data_3VHV
#
_entry.id   3VHV
#
_cell.length_a   62.612
_cell.length_b   62.612
_cell.length_c   75.504
_cell.angle_alpha   90.00
_cell.angle_beta   90.00
_cell.angle_gamma   120.00
#
_symmetry.space_group_name_H-M   'P 32'
#
loop_
_entity.id
_entity.type
_entity.pdbx_description
1 polymer 'Mineralocorticoid receptor'
2 non-polymer 6-[(7S)-7-phenyl-7H-[1,2,4]triazolo[3,4-b][1,3,4]thiadiazin-6-yl]-2H-1,4-benzoxazin-3(4H)-one
3 non-polymer 6-[(1E)-2-phenyl-N-(3-sulfanyl-4H-1,2,4-triazol-4-yl)ethanimidoyl]-2H-1,4-benzoxazin-3(4H)-one
4 non-polymer 1,2-ETHANEDIOL
5 non-polymer 'POTASSIUM ION'
6 water water
#
_entity_poly.entity_id   1
_entity_poly.type   'polypeptide(L)'
_entity_poly.pdbx_seq_one_letter_code
;GSLSTISRALTPSPVMVLENIEPEIVYAGYDSSKPDTAENLLSTLNRLAGKQMIQVVKWAKVLPGFKNLPLEDQITLIQY
SWMSLLSFALSWRSYKHTNSQFLYFAPDLVFNEEKMHQSAMYELCQGMHQISLQFVRLQLTFEEYTIMKVLLLLSTIPKD
GLKSQAAFEEMRTNYIKELRKMVTKCPNNSGQSWQRFYQLTKLLDSMHDLVSDLLEFCFYTFRESHALKVEFPAMLVEII
SDQLPKVESGNVKPLYFHRK
;
_entity_poly.pdbx_strand_id   A
#
# COMPACT_ATOMS: atom_id res chain seq x y z
N GLY A 1 15.89 23.62 -8.60
CA GLY A 1 16.93 22.91 -9.39
C GLY A 1 17.49 21.69 -8.68
N SER A 2 18.32 20.94 -9.40
CA SER A 2 18.99 19.79 -8.81
C SER A 2 20.10 20.21 -7.85
N LEU A 3 20.20 19.50 -6.73
CA LEU A 3 21.32 19.64 -5.80
C LEU A 3 22.03 18.29 -5.67
N SER A 4 22.14 17.60 -6.80
CA SER A 4 22.70 16.25 -6.83
C SER A 4 24.14 16.15 -6.34
N THR A 5 24.97 17.18 -6.56
CA THR A 5 26.34 17.14 -6.07
CA THR A 5 26.35 17.18 -6.06
C THR A 5 26.39 17.03 -4.54
N ILE A 6 25.57 17.80 -3.86
CA ILE A 6 25.50 17.72 -2.41
C ILE A 6 24.85 16.39 -2.00
N SER A 7 23.75 16.04 -2.65
CA SER A 7 23.01 14.84 -2.28
C SER A 7 23.92 13.62 -2.40
N ARG A 8 24.64 13.52 -3.52
CA ARG A 8 25.54 12.39 -3.73
C ARG A 8 26.65 12.38 -2.67
N ALA A 9 27.18 13.56 -2.36
CA ALA A 9 28.25 13.67 -1.36
C ALA A 9 27.78 13.31 0.05
N LEU A 10 26.48 13.41 0.29
CA LEU A 10 25.92 13.05 1.59
C LEU A 10 25.72 11.55 1.75
N THR A 11 25.95 10.82 0.65
CA THR A 11 25.87 9.34 0.61
C THR A 11 24.72 8.78 1.46
N PRO A 12 23.48 9.20 1.15
CA PRO A 12 22.37 8.71 1.94
C PRO A 12 22.22 7.19 1.91
N SER A 13 21.87 6.63 3.05
CA SER A 13 21.55 5.21 3.18
C SER A 13 20.21 4.92 2.49
N PRO A 14 19.93 3.64 2.18
CA PRO A 14 18.62 3.34 1.61
C PRO A 14 17.44 3.87 2.46
N VAL A 15 17.54 3.78 3.78
CA VAL A 15 16.46 4.30 4.64
C VAL A 15 16.29 5.83 4.52
N MET A 16 17.41 6.54 4.42
CA MET A 16 17.36 7.98 4.17
C MET A 16 16.73 8.27 2.82
N VAL A 17 17.05 7.45 1.83
CA VAL A 17 16.44 7.61 0.51
C VAL A 17 14.93 7.37 0.63
N LEU A 18 14.52 6.32 1.33
CA LEU A 18 13.09 6.03 1.47
C LEU A 18 12.34 7.23 2.06
N GLU A 19 12.93 7.86 3.07
CA GLU A 19 12.29 9.02 3.67
C GLU A 19 12.19 10.12 2.62
N ASN A 20 13.26 10.30 1.86
CA ASN A 20 13.34 11.38 0.90
C ASN A 20 12.31 11.26 -0.23
N ILE A 21 12.00 10.04 -0.63
CA ILE A 21 11.15 9.81 -1.80
C ILE A 21 9.69 9.57 -1.42
N GLU A 22 9.39 9.65 -0.13
CA GLU A 22 8.01 9.52 0.32
C GLU A 22 7.12 10.51 -0.42
N PRO A 23 5.99 10.03 -0.96
CA PRO A 23 5.11 10.93 -1.67
C PRO A 23 4.58 12.02 -0.76
N GLU A 24 4.32 13.19 -1.33
CA GLU A 24 3.68 14.23 -0.55
C GLU A 24 2.19 13.99 -0.43
N ILE A 25 1.57 14.85 0.34
CA ILE A 25 0.15 14.79 0.65
C ILE A 25 -0.70 14.78 -0.61
N VAL A 26 -1.66 13.86 -0.66
CA VAL A 26 -2.65 13.82 -1.72
C VAL A 26 -4.02 14.13 -1.12
N TYR A 27 -4.69 15.12 -1.69
CA TYR A 27 -6.04 15.48 -1.28
C TYR A 27 -7.08 14.68 -2.06
N ALA A 28 -8.18 14.35 -1.40
CA ALA A 28 -9.23 13.56 -2.03
C ALA A 28 -10.07 14.40 -3.00
N GLY A 29 -10.09 15.71 -2.80
CA GLY A 29 -11.02 16.58 -3.50
C GLY A 29 -12.44 16.31 -3.03
N TYR A 30 -12.59 16.03 -1.73
CA TYR A 30 -13.89 15.77 -1.13
C TYR A 30 -14.75 17.03 -1.11
N ASP A 31 -15.99 16.90 -1.58
CA ASP A 31 -16.94 18.01 -1.61
C ASP A 31 -17.98 17.76 -0.53
N SER A 32 -17.86 18.51 0.57
CA SER A 32 -18.72 18.33 1.74
C SER A 32 -20.17 18.81 1.50
N SER A 33 -20.36 19.52 0.39
CA SER A 33 -21.69 20.04 0.03
C SER A 33 -22.57 18.97 -0.61
N LYS A 34 -21.95 17.89 -1.08
CA LYS A 34 -22.66 16.78 -1.72
C LYS A 34 -23.05 15.72 -0.69
N PRO A 35 -24.16 15.00 -0.94
CA PRO A 35 -24.61 13.98 0.00
C PRO A 35 -23.56 12.89 0.21
N ASP A 36 -23.45 12.44 1.45
CA ASP A 36 -22.53 11.37 1.78
C ASP A 36 -23.18 10.01 1.54
N THR A 37 -23.54 9.79 0.29
CA THR A 37 -24.03 8.52 -0.19
C THR A 37 -22.84 7.62 -0.49
N ALA A 38 -23.10 6.31 -0.56
CA ALA A 38 -22.04 5.38 -0.91
C ALA A 38 -21.46 5.71 -2.27
N GLU A 39 -22.32 6.05 -3.24
CA GLU A 39 -21.84 6.36 -4.58
C GLU A 39 -20.87 7.55 -4.57
N ASN A 40 -21.18 8.59 -3.81
CA ASN A 40 -20.29 9.74 -3.74
C ASN A 40 -19.01 9.45 -2.96
N LEU A 41 -19.14 8.76 -1.82
CA LEU A 41 -17.96 8.47 -1.02
C LEU A 41 -17.01 7.51 -1.72
N LEU A 42 -17.54 6.44 -2.32
CA LEU A 42 -16.68 5.50 -3.02
C LEU A 42 -16.06 6.11 -4.26
N SER A 43 -16.82 6.93 -4.99
CA SER A 43 -16.26 7.63 -6.14
C SER A 43 -15.11 8.54 -5.69
N THR A 44 -15.27 9.19 -4.53
CA THR A 44 -14.21 10.03 -3.97
C THR A 44 -13.01 9.20 -3.57
N LEU A 45 -13.25 8.08 -2.90
CA LEU A 45 -12.16 7.18 -2.55
C LEU A 45 -11.40 6.71 -3.78
N ASN A 46 -12.13 6.41 -4.85
CA ASN A 46 -11.50 5.93 -6.08
C ASN A 46 -10.69 7.01 -6.76
N ARG A 47 -11.21 8.23 -6.75
CA ARG A 47 -10.48 9.38 -7.27
CA ARG A 47 -10.44 9.34 -7.29
C ARG A 47 -9.17 9.54 -6.47
N LEU A 48 -9.29 9.46 -5.15
CA LEU A 48 -8.13 9.57 -4.28
C LEU A 48 -7.13 8.45 -4.56
N ALA A 49 -7.62 7.22 -4.69
CA ALA A 49 -6.76 6.09 -4.98
C ALA A 49 -6.03 6.30 -6.31
N GLY A 50 -6.74 6.78 -7.33
CA GLY A 50 -6.10 7.03 -8.62
C GLY A 50 -4.98 8.04 -8.48
N LYS A 51 -5.24 9.12 -7.74
CA LYS A 51 -4.24 10.16 -7.53
C LYS A 51 -3.05 9.62 -6.74
N GLN A 52 -3.32 8.79 -5.75
CA GLN A 52 -2.24 8.20 -4.98
C GLN A 52 -1.42 7.24 -5.84
N MET A 53 -2.07 6.48 -6.71
CA MET A 53 -1.34 5.56 -7.57
C MET A 53 -0.38 6.27 -8.52
N ILE A 54 -0.75 7.45 -9.00
CA ILE A 54 0.17 8.27 -9.78
C ILE A 54 1.46 8.51 -8.99
N GLN A 55 1.29 8.84 -7.70
CA GLN A 55 2.44 9.08 -6.84
C GLN A 55 3.19 7.79 -6.53
N VAL A 56 2.48 6.68 -6.43
CA VAL A 56 3.15 5.39 -6.22
C VAL A 56 4.11 5.07 -7.36
N VAL A 57 3.69 5.32 -8.60
CA VAL A 57 4.56 5.04 -9.72
C VAL A 57 5.80 5.92 -9.64
N LYS A 58 5.61 7.21 -9.35
CA LYS A 58 6.72 8.15 -9.23
CA LYS A 58 6.74 8.14 -9.24
C LYS A 58 7.70 7.68 -8.15
N TRP A 59 7.16 7.22 -7.02
CA TRP A 59 7.94 6.73 -5.90
C TRP A 59 8.70 5.46 -6.27
N ALA A 60 8.01 4.53 -6.93
CA ALA A 60 8.64 3.26 -7.24
C ALA A 60 9.85 3.45 -8.14
N LYS A 61 9.74 4.40 -9.08
CA LYS A 61 10.82 4.68 -10.03
C LYS A 61 12.13 5.08 -9.36
N VAL A 62 12.02 5.74 -8.21
CA VAL A 62 13.21 6.21 -7.51
C VAL A 62 13.53 5.35 -6.28
N LEU A 63 12.83 4.23 -6.16
CA LEU A 63 13.09 3.28 -5.10
C LEU A 63 14.39 2.52 -5.39
N PRO A 64 15.37 2.57 -4.47
CA PRO A 64 16.60 1.84 -4.75
C PRO A 64 16.34 0.38 -5.07
N GLY A 65 16.90 -0.06 -6.18
CA GLY A 65 16.75 -1.43 -6.64
C GLY A 65 15.68 -1.64 -7.71
N PHE A 66 14.66 -0.80 -7.72
CA PHE A 66 13.50 -1.03 -8.58
C PHE A 66 13.86 -0.96 -10.06
N LYS A 67 14.83 -0.10 -10.38
CA LYS A 67 15.33 0.04 -11.75
C LYS A 67 15.98 -1.24 -12.28
N ASN A 68 16.35 -2.17 -11.39
CA ASN A 68 16.94 -3.43 -11.80
CA ASN A 68 16.95 -3.42 -11.82
C ASN A 68 15.92 -4.45 -12.29
N LEU A 69 14.64 -4.09 -12.19
CA LEU A 69 13.58 -5.00 -12.61
C LEU A 69 13.07 -4.61 -13.98
N PRO A 70 12.75 -5.61 -14.82
CA PRO A 70 12.24 -5.25 -16.14
C PRO A 70 10.91 -4.51 -16.06
N LEU A 71 10.62 -3.74 -17.10
CA LEU A 71 9.38 -2.99 -17.18
C LEU A 71 8.14 -3.83 -16.86
N GLU A 72 8.05 -5.01 -17.44
CA GLU A 72 6.86 -5.86 -17.22
C GLU A 72 6.69 -6.16 -15.74
N ASP A 73 7.80 -6.42 -15.06
CA ASP A 73 7.75 -6.73 -13.64
C ASP A 73 7.46 -5.50 -12.81
N GLN A 74 8.00 -4.35 -13.21
CA GLN A 74 7.70 -3.11 -12.51
C GLN A 74 6.20 -2.87 -12.53
N ILE A 75 5.60 -3.04 -13.71
CA ILE A 75 4.16 -2.86 -13.87
C ILE A 75 3.40 -3.87 -13.02
N THR A 76 3.79 -5.14 -13.12
CA THR A 76 3.12 -6.18 -12.37
C THR A 76 3.15 -5.90 -10.87
N LEU A 77 4.31 -5.50 -10.36
CA LEU A 77 4.44 -5.30 -8.93
C LEU A 77 3.58 -4.14 -8.46
N ILE A 78 3.58 -3.05 -9.20
CA ILE A 78 2.75 -1.91 -8.84
C ILE A 78 1.26 -2.29 -8.90
N GLN A 79 0.89 -2.99 -9.96
CA GLN A 79 -0.49 -3.44 -10.10
C GLN A 79 -0.88 -4.39 -8.98
N TYR A 80 -0.04 -5.39 -8.71
CA TYR A 80 -0.42 -6.45 -7.77
C TYR A 80 -0.42 -5.98 -6.34
N SER A 81 0.22 -4.87 -6.05
CA SER A 81 0.31 -4.39 -4.68
C SER A 81 -0.48 -3.12 -4.44
N TRP A 82 -1.23 -2.64 -5.44
CA TRP A 82 -1.84 -1.31 -5.31
C TRP A 82 -2.68 -1.18 -4.05
N MET A 83 -3.58 -2.15 -3.83
CA MET A 83 -4.46 -2.06 -2.69
C MET A 83 -3.68 -2.18 -1.38
N SER A 84 -2.66 -3.02 -1.37
CA SER A 84 -1.84 -3.18 -0.19
C SER A 84 -1.11 -1.89 0.15
N LEU A 85 -0.48 -1.28 -0.84
CA LEU A 85 0.27 -0.05 -0.61
C LEU A 85 -0.64 1.06 -0.13
N LEU A 86 -1.78 1.23 -0.80
CA LEU A 86 -2.67 2.30 -0.39
C LEU A 86 -3.24 2.05 1.00
N SER A 87 -3.60 0.80 1.29
CA SER A 87 -4.19 0.47 2.59
C SER A 87 -3.18 0.67 3.73
N PHE A 88 -1.94 0.27 3.48
CA PHE A 88 -0.90 0.42 4.48
C PHE A 88 -0.65 1.90 4.76
N ALA A 89 -0.63 2.71 3.70
CA ALA A 89 -0.41 4.14 3.85
C ALA A 89 -1.58 4.79 4.57
N LEU A 90 -2.79 4.29 4.30
CA LEU A 90 -3.98 4.75 4.98
C LEU A 90 -3.85 4.52 6.49
N SER A 91 -3.43 3.32 6.90
CA SER A 91 -3.24 3.05 8.31
C SER A 91 -2.14 3.92 8.89
N TRP A 92 -1.07 4.14 8.11
CA TRP A 92 0.00 5.00 8.59
C TRP A 92 -0.52 6.42 8.86
N ARG A 93 -1.23 6.99 7.91
CA ARG A 93 -1.76 8.35 8.11
C ARG A 93 -2.71 8.38 9.27
N SER A 94 -3.52 7.33 9.41
CA SER A 94 -4.49 7.24 10.51
C SER A 94 -3.77 7.24 11.85
N TYR A 95 -2.69 6.48 11.93
CA TYR A 95 -1.86 6.39 13.11
C TYR A 95 -1.17 7.72 13.40
N LYS A 96 -0.49 8.26 12.39
CA LYS A 96 0.31 9.47 12.56
C LYS A 96 -0.55 10.67 12.92
N HIS A 97 -1.65 10.84 12.20
CA HIS A 97 -2.44 12.06 12.32
C HIS A 97 -3.56 12.01 13.34
N THR A 98 -4.04 10.81 13.66
CA THR A 98 -5.18 10.68 14.57
C THR A 98 -4.95 9.70 15.72
N ASN A 99 -3.73 9.18 15.83
CA ASN A 99 -3.44 8.10 16.79
C ASN A 99 -4.42 6.94 16.61
N SER A 100 -4.75 6.68 15.35
CA SER A 100 -5.61 5.58 14.95
C SER A 100 -7.00 5.68 15.57
N GLN A 101 -7.49 6.91 15.70
CA GLN A 101 -8.87 7.14 16.12
C GLN A 101 -9.82 7.12 14.93
N PHE A 102 -9.32 7.50 13.76
CA PHE A 102 -10.12 7.63 12.56
C PHE A 102 -9.36 7.05 11.40
N LEU A 103 -10.03 6.93 10.26
CA LEU A 103 -9.34 6.56 9.02
C LEU A 103 -9.03 7.83 8.23
N TYR A 104 -7.75 8.17 8.19
CA TYR A 104 -7.31 9.42 7.57
C TYR A 104 -6.96 9.18 6.11
N PHE A 105 -7.99 9.21 5.27
CA PHE A 105 -7.76 9.02 3.84
C PHE A 105 -6.94 10.14 3.26
N ALA A 106 -7.25 11.36 3.70
CA ALA A 106 -6.60 12.56 3.20
C ALA A 106 -6.94 13.66 4.17
N PRO A 107 -6.22 14.80 4.10
CA PRO A 107 -6.54 15.87 5.05
C PRO A 107 -8.00 16.32 4.94
N ASP A 108 -8.56 16.21 3.74
CA ASP A 108 -9.93 16.65 3.49
C ASP A 108 -10.94 15.49 3.54
N LEU A 109 -10.49 14.32 3.97
CA LEU A 109 -11.36 13.16 4.03
C LEU A 109 -10.91 12.21 5.13
N VAL A 110 -11.53 12.41 6.28
CA VAL A 110 -11.23 11.65 7.47
C VAL A 110 -12.52 10.95 7.88
N PHE A 111 -12.47 9.62 7.94
CA PHE A 111 -13.66 8.83 8.25
C PHE A 111 -13.78 8.58 9.74
N ASN A 112 -14.93 8.95 10.29
CA ASN A 112 -15.36 8.42 11.57
C ASN A 112 -16.31 7.25 11.30
N GLU A 113 -16.94 6.72 12.35
CA GLU A 113 -17.83 5.58 12.20
C GLU A 113 -18.97 5.88 11.24
N GLU A 114 -19.55 7.08 11.34
CA GLU A 114 -20.63 7.47 10.44
C GLU A 114 -20.22 7.37 8.96
N LYS A 115 -19.05 7.91 8.63
CA LYS A 115 -18.56 7.85 7.25
C LYS A 115 -18.28 6.40 6.84
N MET A 116 -17.76 5.60 7.76
CA MET A 116 -17.54 4.18 7.47
C MET A 116 -18.84 3.51 7.05
N HIS A 117 -19.90 3.75 7.81
CA HIS A 117 -21.23 3.24 7.44
C HIS A 117 -21.69 3.80 6.09
N GLN A 118 -21.61 5.12 5.94
CA GLN A 118 -22.11 5.79 4.75
C GLN A 118 -21.42 5.31 3.48
N SER A 119 -20.16 4.91 3.60
CA SER A 119 -19.37 4.49 2.45
C SER A 119 -19.75 3.13 1.90
N ALA A 120 -20.61 2.41 2.64
CA ALA A 120 -20.99 1.01 2.35
C ALA A 120 -19.89 0.04 2.69
N MET A 121 -18.82 0.53 3.32
CA MET A 121 -17.66 -0.29 3.64
C MET A 121 -17.42 -0.43 5.13
N TYR A 122 -18.47 -0.36 5.94
CA TYR A 122 -18.23 -0.33 7.38
C TYR A 122 -17.33 -1.45 7.88
N GLU A 123 -17.66 -2.69 7.53
CA GLU A 123 -16.96 -3.84 8.07
C GLU A 123 -15.52 -3.90 7.56
N LEU A 124 -15.33 -3.59 6.28
CA LEU A 124 -14.00 -3.54 5.71
C LEU A 124 -13.17 -2.40 6.32
N CYS A 125 -13.82 -1.27 6.58
CA CYS A 125 -13.16 -0.19 7.29
C CYS A 125 -12.72 -0.61 8.68
N GLN A 126 -13.55 -1.40 9.36
CA GLN A 126 -13.17 -1.90 10.67
CA GLN A 126 -13.19 -1.94 10.67
C GLN A 126 -11.94 -2.81 10.56
N GLY A 127 -11.88 -3.61 9.50
CA GLY A 127 -10.70 -4.43 9.26
C GLY A 127 -9.46 -3.56 9.06
N MET A 128 -9.61 -2.49 8.29
CA MET A 128 -8.52 -1.56 8.08
C MET A 128 -8.08 -0.93 9.41
N HIS A 129 -9.07 -0.57 10.20
CA HIS A 129 -8.81 0.07 11.47
C HIS A 129 -8.02 -0.84 12.41
N GLN A 130 -8.23 -2.14 12.28
CA GLN A 130 -7.46 -3.07 13.09
C GLN A 130 -5.96 -2.95 12.81
N ILE A 131 -5.59 -2.71 11.56
CA ILE A 131 -4.19 -2.49 11.21
C ILE A 131 -3.69 -1.21 11.89
N SER A 132 -4.49 -0.15 11.79
CA SER A 132 -4.13 1.11 12.43
C SER A 132 -3.88 0.90 13.92
N LEU A 133 -4.73 0.09 14.56
CA LEU A 133 -4.59 -0.17 15.99
C LEU A 133 -3.33 -0.95 16.28
N GLN A 134 -2.94 -1.85 15.37
CA GLN A 134 -1.67 -2.58 15.49
CA GLN A 134 -1.68 -2.55 15.55
C GLN A 134 -0.49 -1.62 15.47
N PHE A 135 -0.59 -0.55 14.66
CA PHE A 135 0.48 0.44 14.61
C PHE A 135 0.66 1.09 15.97
N VAL A 136 -0.44 1.37 16.67
CA VAL A 136 -0.38 1.91 18.03
C VAL A 136 0.22 0.88 18.98
N ARG A 137 -0.24 -0.37 18.89
CA ARG A 137 0.24 -1.41 19.80
C ARG A 137 1.76 -1.58 19.67
N LEU A 138 2.23 -1.56 18.43
CA LEU A 138 3.64 -1.76 18.14
C LEU A 138 4.46 -0.49 18.25
N GLN A 139 3.79 0.67 18.32
CA GLN A 139 4.48 1.94 18.19
C GLN A 139 5.39 1.92 16.95
N LEU A 140 4.77 1.59 15.83
CA LEU A 140 5.49 1.51 14.57
C LEU A 140 6.22 2.82 14.30
N THR A 141 7.46 2.71 13.87
CA THR A 141 8.22 3.92 13.53
C THR A 141 8.12 4.21 12.05
N PHE A 142 8.38 5.46 11.69
CA PHE A 142 8.37 5.83 10.29
C PHE A 142 9.38 5.01 9.48
N GLU A 143 10.56 4.77 10.04
CA GLU A 143 11.59 4.00 9.35
C GLU A 143 11.07 2.62 9.05
N GLU A 144 10.46 1.98 10.05
CA GLU A 144 9.89 0.66 9.86
C GLU A 144 8.82 0.70 8.78
N TYR A 145 7.94 1.69 8.87
CA TYR A 145 6.87 1.86 7.90
C TYR A 145 7.42 1.95 6.48
N THR A 146 8.46 2.75 6.26
CA THR A 146 8.95 2.92 4.90
C THR A 146 9.52 1.62 4.34
N ILE A 147 10.20 0.85 5.17
CA ILE A 147 10.76 -0.39 4.67
C ILE A 147 9.65 -1.40 4.42
N MET A 148 8.70 -1.46 5.34
CA MET A 148 7.57 -2.34 5.19
C MET A 148 6.76 -2.03 3.94
N LYS A 149 6.64 -0.75 3.60
CA LYS A 149 5.90 -0.38 2.41
C LYS A 149 6.59 -0.94 1.16
N VAL A 150 7.92 -0.88 1.13
CA VAL A 150 8.65 -1.50 0.03
C VAL A 150 8.37 -2.99 -0.01
N LEU A 151 8.39 -3.64 1.16
CA LEU A 151 8.12 -5.06 1.19
C LEU A 151 6.73 -5.37 0.65
N LEU A 152 5.76 -4.50 0.90
CA LEU A 152 4.42 -4.68 0.33
C LEU A 152 4.42 -4.57 -1.19
N LEU A 153 5.18 -3.61 -1.72
CA LEU A 153 5.33 -3.53 -3.18
C LEU A 153 5.85 -4.86 -3.74
N LEU A 154 6.63 -5.55 -2.93
CA LEU A 154 7.29 -6.80 -3.31
C LEU A 154 6.64 -8.03 -2.69
N SER A 155 5.34 -7.95 -2.40
CA SER A 155 4.64 -8.98 -1.63
CA SER A 155 4.71 -9.04 -1.65
C SER A 155 3.73 -9.89 -2.43
N THR A 156 3.45 -9.52 -3.67
CA THR A 156 2.42 -10.23 -4.45
C THR A 156 2.92 -10.36 -5.88
N ILE A 157 3.02 -11.59 -6.35
CA ILE A 157 3.60 -11.87 -7.66
C ILE A 157 2.76 -12.88 -8.43
N PRO A 158 3.01 -13.04 -9.73
CA PRO A 158 2.28 -14.06 -10.46
C PRO A 158 2.64 -15.45 -9.93
N LYS A 159 1.67 -16.36 -9.93
CA LYS A 159 1.90 -17.72 -9.47
C LYS A 159 3.08 -18.36 -10.20
N ASP A 160 3.18 -18.07 -11.51
CA ASP A 160 4.21 -18.69 -12.34
C ASP A 160 5.49 -17.85 -12.37
N GLY A 161 5.52 -16.81 -11.54
CA GLY A 161 6.73 -16.02 -11.36
C GLY A 161 6.78 -14.78 -12.21
N LEU A 162 7.75 -13.93 -11.89
CA LEU A 162 8.02 -12.73 -12.64
C LEU A 162 8.91 -13.02 -13.83
N LYS A 163 9.07 -12.02 -14.69
CA LYS A 163 9.95 -12.12 -15.84
C LYS A 163 11.39 -12.34 -15.41
N SER A 164 11.79 -11.61 -14.36
CA SER A 164 13.13 -11.72 -13.82
C SER A 164 13.04 -12.03 -12.34
N GLN A 165 12.75 -13.29 -12.04
CA GLN A 165 12.50 -13.69 -10.67
C GLN A 165 13.72 -13.46 -9.78
N ALA A 166 14.91 -13.80 -10.27
CA ALA A 166 16.11 -13.63 -9.44
C ALA A 166 16.37 -12.18 -9.06
N ALA A 167 16.18 -11.27 -10.01
CA ALA A 167 16.35 -9.84 -9.73
C ALA A 167 15.35 -9.38 -8.68
N PHE A 168 14.11 -9.86 -8.80
CA PHE A 168 13.09 -9.55 -7.80
C PHE A 168 13.48 -10.06 -6.43
N GLU A 169 13.93 -11.31 -6.36
CA GLU A 169 14.28 -11.92 -5.07
CA GLU A 169 14.26 -11.90 -5.07
C GLU A 169 15.43 -11.17 -4.43
N GLU A 170 16.38 -10.72 -5.24
CA GLU A 170 17.50 -9.95 -4.72
C GLU A 170 16.99 -8.66 -4.08
N MET A 171 16.11 -7.95 -4.78
CA MET A 171 15.59 -6.72 -4.23
C MET A 171 14.79 -6.97 -2.96
N ARG A 172 13.90 -7.95 -2.98
CA ARG A 172 13.09 -8.26 -1.82
C ARG A 172 13.98 -8.64 -0.63
N THR A 173 14.95 -9.51 -0.86
CA THR A 173 15.86 -9.89 0.20
C THR A 173 16.62 -8.69 0.74
N ASN A 174 17.06 -7.80 -0.14
CA ASN A 174 17.74 -6.60 0.33
C ASN A 174 16.88 -5.78 1.27
N TYR A 175 15.58 -5.66 0.97
CA TYR A 175 14.71 -4.92 1.87
C TYR A 175 14.37 -5.67 3.15
N ILE A 176 14.34 -7.01 3.08
CA ILE A 176 14.21 -7.79 4.30
C ILE A 176 15.42 -7.54 5.20
N LYS A 177 16.59 -7.51 4.59
CA LYS A 177 17.81 -7.24 5.32
C LYS A 177 17.77 -5.84 5.93
N GLU A 178 17.23 -4.86 5.19
CA GLU A 178 17.06 -3.51 5.72
C GLU A 178 16.16 -3.52 6.94
N LEU A 179 15.08 -4.28 6.87
CA LEU A 179 14.18 -4.35 8.01
C LEU A 179 14.87 -4.94 9.23
N ARG A 180 15.59 -6.04 9.01
CA ARG A 180 16.34 -6.68 10.11
C ARG A 180 17.32 -5.67 10.71
N LYS A 181 18.09 -4.99 9.87
CA LYS A 181 19.08 -4.04 10.36
C LYS A 181 18.41 -2.93 11.17
N MET A 182 17.27 -2.46 10.68
CA MET A 182 16.53 -1.38 11.32
C MET A 182 16.00 -1.76 12.69
N VAL A 183 15.45 -2.97 12.80
CA VAL A 183 14.90 -3.41 14.08
C VAL A 183 15.99 -3.58 15.13
N THR A 184 17.18 -3.97 14.69
CA THR A 184 18.32 -4.21 15.59
C THR A 184 18.99 -2.91 16.04
N LYS A 185 19.08 -1.94 15.12
CA LYS A 185 19.55 -0.60 15.47
C LYS A 185 18.59 0.07 16.44
N GLY A 191 17.23 -6.48 23.07
CA GLY A 191 16.99 -7.85 23.48
C GLY A 191 15.78 -8.50 22.85
N GLN A 192 15.12 -7.77 21.94
CA GLN A 192 13.89 -8.24 21.30
C GLN A 192 13.91 -7.98 19.78
N SER A 193 15.09 -8.05 19.17
CA SER A 193 15.22 -7.86 17.71
C SER A 193 14.39 -8.85 16.91
N TRP A 194 14.57 -10.15 17.18
CA TRP A 194 13.77 -11.13 16.47
C TRP A 194 12.28 -10.88 16.72
N GLN A 195 11.91 -10.68 17.98
CA GLN A 195 10.51 -10.41 18.31
C GLN A 195 9.94 -9.27 17.47
N ARG A 196 10.69 -8.18 17.35
CA ARG A 196 10.23 -7.05 16.56
C ARG A 196 10.10 -7.42 15.09
N PHE A 197 11.14 -8.07 14.56
CA PHE A 197 11.13 -8.47 13.17
C PHE A 197 9.93 -9.38 12.91
N TYR A 198 9.69 -10.30 13.83
CA TYR A 198 8.60 -11.24 13.74
C TYR A 198 7.26 -10.53 13.77
N GLN A 199 7.07 -9.60 14.70
CA GLN A 199 5.80 -8.88 14.78
CA GLN A 199 5.82 -8.85 14.79
C GLN A 199 5.56 -8.07 13.52
N LEU A 200 6.60 -7.41 13.01
CA LEU A 200 6.41 -6.60 11.83
C LEU A 200 6.11 -7.44 10.60
N THR A 201 6.81 -8.56 10.46
CA THR A 201 6.59 -9.43 9.31
C THR A 201 5.27 -10.19 9.42
N LYS A 202 4.84 -10.53 10.64
CA LYS A 202 3.51 -11.09 10.84
C LYS A 202 2.46 -10.08 10.42
N LEU A 203 2.70 -8.81 10.73
CA LEU A 203 1.78 -7.77 10.31
CA LEU A 203 1.80 -7.74 10.31
C LEU A 203 1.74 -7.66 8.78
N LEU A 204 2.90 -7.75 8.14
CA LEU A 204 2.91 -7.78 6.67
C LEU A 204 2.09 -8.96 6.14
N ASP A 205 2.26 -10.13 6.73
CA ASP A 205 1.46 -11.28 6.31
C ASP A 205 -0.03 -10.98 6.46
N SER A 206 -0.40 -10.32 7.56
CA SER A 206 -1.82 -10.06 7.82
CA SER A 206 -1.80 -10.02 7.84
C SER A 206 -2.40 -9.07 6.82
N MET A 207 -1.55 -8.26 6.20
CA MET A 207 -2.04 -7.38 5.14
C MET A 207 -2.66 -8.18 4.00
N HIS A 208 -2.12 -9.36 3.70
CA HIS A 208 -2.70 -10.16 2.64
C HIS A 208 -4.13 -10.56 2.97
N ASP A 209 -4.38 -10.82 4.25
CA ASP A 209 -5.71 -11.24 4.69
C ASP A 209 -6.72 -10.14 4.42
N LEU A 210 -6.38 -8.92 4.78
CA LEU A 210 -7.28 -7.80 4.61
C LEU A 210 -7.39 -7.41 3.15
N VAL A 211 -6.26 -7.36 2.46
CA VAL A 211 -6.22 -6.86 1.10
C VAL A 211 -6.97 -7.79 0.14
N SER A 212 -6.91 -9.09 0.36
CA SER A 212 -7.65 -9.98 -0.54
C SER A 212 -9.14 -9.73 -0.40
N ASP A 213 -9.60 -9.42 0.81
CA ASP A 213 -11.01 -9.07 1.02
C ASP A 213 -11.33 -7.75 0.33
N LEU A 214 -10.47 -6.76 0.52
CA LEU A 214 -10.69 -5.46 -0.09
C LEU A 214 -10.74 -5.56 -1.61
N LEU A 215 -9.87 -6.39 -2.18
CA LEU A 215 -9.88 -6.57 -3.62
C LEU A 215 -11.15 -7.27 -4.10
N GLU A 216 -11.59 -8.32 -3.43
CA GLU A 216 -12.83 -8.97 -3.79
C GLU A 216 -13.99 -7.98 -3.77
N PHE A 217 -14.00 -7.12 -2.75
CA PHE A 217 -15.05 -6.14 -2.63
C PHE A 217 -14.92 -5.11 -3.75
N CYS A 218 -13.70 -4.66 -4.02
CA CYS A 218 -13.47 -3.72 -5.10
C CYS A 218 -13.89 -4.29 -6.44
N PHE A 219 -13.60 -5.58 -6.67
CA PHE A 219 -13.96 -6.21 -7.92
C PHE A 219 -15.49 -6.28 -8.07
N TYR A 220 -16.17 -6.59 -6.97
CA TYR A 220 -17.63 -6.63 -6.98
C TYR A 220 -18.20 -5.25 -7.31
N THR A 221 -17.68 -4.23 -6.64
CA THR A 221 -18.13 -2.86 -6.86
C THR A 221 -17.85 -2.48 -8.31
N PHE A 222 -16.69 -2.86 -8.80
CA PHE A 222 -16.30 -2.56 -10.18
C PHE A 222 -17.27 -3.20 -11.18
N ARG A 223 -17.58 -4.47 -10.96
CA ARG A 223 -18.53 -5.15 -11.83
C ARG A 223 -19.89 -4.50 -11.77
N GLU A 224 -20.28 -4.03 -10.58
CA GLU A 224 -21.60 -3.43 -10.39
C GLU A 224 -21.56 -1.92 -10.46
N SER A 225 -20.50 -1.36 -11.02
CA SER A 225 -20.28 0.09 -10.90
C SER A 225 -21.37 0.93 -11.54
N HIS A 226 -21.93 0.47 -12.64
CA HIS A 226 -23.02 1.21 -13.29
C HIS A 226 -24.24 1.29 -12.37
N ALA A 227 -24.65 0.14 -11.82
CA ALA A 227 -25.82 0.05 -10.95
C ALA A 227 -25.59 0.81 -9.65
N LEU A 228 -24.37 0.72 -9.13
CA LEU A 228 -24.03 1.33 -7.85
C LEU A 228 -23.64 2.80 -8.01
N LYS A 229 -23.46 3.22 -9.26
CA LYS A 229 -23.06 4.59 -9.60
C LYS A 229 -21.69 4.94 -9.01
N VAL A 230 -20.80 3.96 -8.98
CA VAL A 230 -19.46 4.20 -8.43
C VAL A 230 -18.50 4.43 -9.57
N GLU A 231 -17.83 5.58 -9.55
CA GLU A 231 -16.88 5.93 -10.59
C GLU A 231 -15.48 5.42 -10.26
N PHE A 232 -14.77 5.00 -11.29
CA PHE A 232 -13.37 4.61 -11.16
C PHE A 232 -12.57 5.41 -12.17
N PRO A 233 -11.44 5.99 -11.74
CA PRO A 233 -10.59 6.68 -12.71
C PRO A 233 -9.85 5.69 -13.61
N ALA A 234 -9.35 6.18 -14.74
CA ALA A 234 -8.73 5.34 -15.76
C ALA A 234 -7.63 4.42 -15.23
N MET A 235 -6.78 4.96 -14.35
CA MET A 235 -5.70 4.21 -13.73
C MET A 235 -6.26 2.95 -13.06
N LEU A 236 -7.33 3.12 -12.28
CA LEU A 236 -7.92 2.00 -11.56
C LEU A 236 -8.65 1.07 -12.50
N VAL A 237 -9.32 1.62 -13.51
CA VAL A 237 -9.98 0.76 -14.49
C VAL A 237 -8.97 -0.18 -15.13
N GLU A 238 -7.82 0.36 -15.53
CA GLU A 238 -6.78 -0.46 -16.13
C GLU A 238 -6.25 -1.52 -15.18
N ILE A 239 -5.93 -1.10 -13.96
CA ILE A 239 -5.39 -2.01 -12.95
C ILE A 239 -6.38 -3.13 -12.67
N ILE A 240 -7.62 -2.75 -12.39
CA ILE A 240 -8.62 -3.71 -11.93
C ILE A 240 -9.02 -4.64 -13.07
N SER A 241 -9.29 -4.09 -14.24
CA SER A 241 -9.74 -4.92 -15.35
C SER A 241 -8.71 -6.00 -15.67
N ASP A 242 -7.42 -5.65 -15.58
CA ASP A 242 -6.38 -6.62 -15.89
C ASP A 242 -6.15 -7.62 -14.76
N GLN A 243 -6.15 -7.16 -13.52
CA GLN A 243 -5.84 -8.07 -12.43
C GLN A 243 -7.00 -9.00 -12.08
N LEU A 244 -8.22 -8.55 -12.32
CA LEU A 244 -9.40 -9.28 -11.93
CA LEU A 244 -9.43 -9.28 -11.97
C LEU A 244 -9.36 -10.76 -12.38
N PRO A 245 -9.17 -11.04 -13.70
CA PRO A 245 -9.15 -12.47 -14.04
C PRO A 245 -7.93 -13.21 -13.53
N LYS A 246 -6.83 -12.49 -13.31
CA LYS A 246 -5.63 -13.10 -12.77
C LYS A 246 -5.82 -13.54 -11.33
N VAL A 247 -6.45 -12.69 -10.53
CA VAL A 247 -6.78 -13.06 -9.16
C VAL A 247 -7.78 -14.21 -9.15
N GLU A 248 -8.84 -14.07 -9.94
CA GLU A 248 -9.93 -15.02 -9.89
C GLU A 248 -9.56 -16.40 -10.42
N SER A 249 -8.56 -16.46 -11.29
CA SER A 249 -8.11 -17.75 -11.84
C SER A 249 -7.06 -18.42 -10.95
N GLY A 250 -6.73 -17.80 -9.83
CA GLY A 250 -5.76 -18.35 -8.88
C GLY A 250 -4.32 -18.10 -9.26
N ASN A 251 -4.08 -17.10 -10.11
CA ASN A 251 -2.74 -16.84 -10.65
C ASN A 251 -1.98 -15.73 -9.96
N VAL A 252 -2.51 -15.24 -8.85
CA VAL A 252 -1.86 -14.21 -8.06
C VAL A 252 -1.42 -14.83 -6.74
N LYS A 253 -0.12 -14.74 -6.47
CA LYS A 253 0.50 -15.43 -5.35
C LYS A 253 0.99 -14.46 -4.28
N PRO A 254 0.33 -14.44 -3.12
CA PRO A 254 0.85 -13.67 -1.99
C PRO A 254 2.09 -14.33 -1.40
N LEU A 255 3.10 -13.53 -1.09
CA LEU A 255 4.29 -14.01 -0.43
C LEU A 255 4.15 -13.76 1.08
N TYR A 256 4.48 -14.76 1.86
CA TYR A 256 4.38 -14.68 3.31
C TYR A 256 5.72 -14.95 3.95
N PHE A 257 5.94 -14.33 5.10
CA PHE A 257 7.09 -14.63 5.94
C PHE A 257 6.87 -15.87 6.81
N HIS A 258 5.67 -15.99 7.38
CA HIS A 258 5.40 -17.01 8.40
C HIS A 258 4.22 -17.88 8.02
N ARG A 259 4.04 -18.08 6.72
CA ARG A 259 3.08 -19.04 6.17
C ARG A 259 3.74 -19.64 4.95
N LYS A 260 3.18 -20.75 4.46
CA LYS A 260 3.72 -21.44 3.30
C LYS A 260 3.95 -20.48 2.13
#